data_7KV3
#
_entry.id   7KV3
#
_cell.length_a   76.024
_cell.length_b   72.937
_cell.length_c   101.484
_cell.angle_alpha   90.000
_cell.angle_beta   105.644
_cell.angle_gamma   90.000
#
_symmetry.space_group_name_H-M   'I 1 2 1'
#
loop_
_entity.id
_entity.type
_entity.pdbx_description
1 polymer 'RagB/SusD family nutrient uptake outer membrane protein'
2 branched beta-D-glucopyranose-(1-3)-beta-D-glucopyranose-(1-3)-beta-D-glucopyranose-(1-3)-beta-D-glucopyranose-(1-3)-beta-D-glucopyranose-(1-3)-beta-D-glucopyranose
3 non-polymer 'SULFATE ION'
4 water water
#
_entity_poly.entity_id   1
_entity_poly.type   'polypeptide(L)'
_entity_poly.pdbx_seq_one_letter_code
;MKKYKYIAVCLMASVLLTTGCADSFLEVSSPTDETIDTYFTTDEHIQEAVVAAYDPLHWPDWAFDEYNPVNLMSDIMADD
LWVGGDSKTDNQPWHLMMNFEAIPTNMIYGLWKCAYSGVKRCNDVITYLDWATDVTDANRAYYEAQVIALRVFYYNWVWK
FWGNVPYFDKNLTAPYVAEQLTADQLYEKMVTSLEEVIQLNVLPMREDSENYGRVTLAMVYMLYAEIVMYQNDDSRYSTA
LKYMEEIISSPQYDLMPDYTDIFKETGEWSIESIFEINYKDDNAVRDWGSPLVAGGTALPTLISPYIWPNGTDNHDRGWG
FCPVRKETYERYSNNDTRRNATCWNAQAVLDAHNAEHPGDKLSYTTRYQDTGFFLEKYAAITGNNKDQKSSSELNWNNNL
RIYRYSETLLNAAELITRGAGQGDAKKYLNLVHKRAGLVTEIEPTLDNIIEERHLEFVGEGKRYWDLIRTGKAASVLVPD
AYGYRTNSWSSSKKYLPIPQKEIDAAKGTLVQNNY
;
_entity_poly.pdbx_strand_id   AAA
#
loop_
_chem_comp.id
_chem_comp.type
_chem_comp.name
_chem_comp.formula
BGC D-saccharide, beta linking beta-D-glucopyranose 'C6 H12 O6'
SO4 non-polymer 'SULFATE ION' 'O4 S -2'
#
# COMPACT_ATOMS: atom_id res chain seq x y z
N THR A 41 3.15 8.63 -32.50
CA THR A 41 2.46 9.21 -33.68
C THR A 41 1.36 8.24 -34.12
N THR A 42 1.54 6.93 -33.92
CA THR A 42 0.54 5.86 -34.25
C THR A 42 -0.12 5.34 -32.97
N ASP A 43 -1.27 4.68 -33.11
CA ASP A 43 -2.06 4.06 -32.01
C ASP A 43 -1.25 2.97 -31.29
N GLU A 44 -0.60 2.07 -32.03
CA GLU A 44 0.14 0.90 -31.47
C GLU A 44 1.25 1.36 -30.52
N HIS A 45 1.90 2.48 -30.83
CA HIS A 45 3.05 3.01 -30.04
C HIS A 45 2.52 3.65 -28.76
N ILE A 46 1.40 4.36 -28.82
CA ILE A 46 0.75 4.91 -27.61
C ILE A 46 0.32 3.76 -26.69
N GLN A 47 -0.20 2.66 -27.24
CA GLN A 47 -0.62 1.48 -26.47
C GLN A 47 0.58 0.94 -25.66
N GLU A 48 1.74 0.83 -26.30
CA GLU A 48 2.99 0.34 -25.65
C GLU A 48 3.41 1.34 -24.58
N ALA A 49 3.22 2.63 -24.83
CA ALA A 49 3.63 3.71 -23.90
C ALA A 49 2.73 3.66 -22.67
N VAL A 50 1.42 3.40 -22.87
CA VAL A 50 0.43 3.26 -21.76
C VAL A 50 0.89 2.11 -20.86
N VAL A 51 1.19 0.95 -21.43
CA VAL A 51 1.74 -0.22 -20.69
C VAL A 51 2.96 0.22 -19.87
N ALA A 52 3.94 0.91 -20.48
CA ALA A 52 5.15 1.38 -19.78
C ALA A 52 4.81 2.28 -18.58
N ALA A 53 3.75 3.10 -18.65
CA ALA A 53 3.34 4.02 -17.57
C ALA A 53 2.93 3.24 -16.30
N TYR A 54 2.50 1.98 -16.45
CA TYR A 54 2.12 1.06 -15.34
C TYR A 54 3.37 0.50 -14.65
N ASP A 55 4.54 0.48 -15.28
CA ASP A 55 5.67 -0.33 -14.76
C ASP A 55 6.16 0.20 -13.41
N PRO A 56 6.31 1.52 -13.18
CA PRO A 56 6.78 2.00 -11.89
C PRO A 56 5.94 1.58 -10.68
N LEU A 57 4.67 1.23 -10.86
CA LEU A 57 3.84 0.61 -9.78
C LEU A 57 4.61 -0.52 -9.11
N HIS A 58 5.30 -1.36 -9.88
CA HIS A 58 5.87 -2.62 -9.34
C HIS A 58 7.35 -2.47 -9.02
N TRP A 59 7.88 -1.25 -8.94
CA TRP A 59 9.34 -1.00 -8.71
C TRP A 59 9.75 -0.81 -7.25
N PRO A 60 9.02 -0.05 -6.40
CA PRO A 60 9.61 0.46 -5.16
C PRO A 60 10.16 -0.58 -4.17
N ASP A 61 9.62 -1.79 -4.13
CA ASP A 61 10.10 -2.87 -3.22
C ASP A 61 11.57 -3.23 -3.48
N TRP A 62 12.05 -3.07 -4.72
CA TRP A 62 13.50 -3.17 -5.07
C TRP A 62 13.78 -2.35 -6.33
N ALA A 63 14.35 -1.16 -6.16
CA ALA A 63 14.66 -0.24 -7.28
C ALA A 63 15.64 0.84 -6.79
N PHE A 64 16.47 1.34 -7.72
CA PHE A 64 17.42 2.45 -7.46
C PHE A 64 18.27 2.07 -6.24
N ASP A 65 18.56 0.78 -6.12
CA ASP A 65 19.46 0.20 -5.09
C ASP A 65 18.85 0.32 -3.68
N GLU A 66 17.51 0.40 -3.53
CA GLU A 66 16.84 0.43 -2.20
C GLU A 66 15.61 -0.48 -2.18
N TYR A 67 15.28 -0.97 -0.99
CA TYR A 67 14.01 -1.66 -0.61
C TYR A 67 13.08 -0.60 -0.02
N ASN A 68 12.08 -0.13 -0.76
CA ASN A 68 11.11 0.87 -0.27
C ASN A 68 9.69 0.35 -0.52
N PRO A 69 9.33 -0.88 -0.07
CA PRO A 69 7.99 -1.42 -0.34
C PRO A 69 6.97 -0.45 0.30
N VAL A 70 6.08 0.10 -0.52
CA VAL A 70 5.36 1.35 -0.17
C VAL A 70 4.40 1.10 1.02
N ASN A 71 3.83 -0.10 1.14
CA ASN A 71 2.93 -0.48 2.26
C ASN A 71 3.73 -0.42 3.57
N LEU A 72 4.93 -1.01 3.62
CA LEU A 72 5.75 -1.04 4.87
C LEU A 72 6.33 0.34 5.18
N MET A 73 6.69 1.15 4.20
CA MET A 73 7.29 2.50 4.46
C MET A 73 6.35 3.30 5.36
N SER A 74 5.02 3.22 5.18
CA SER A 74 4.06 3.89 6.09
C SER A 74 3.84 3.02 7.34
N ASP A 75 3.64 1.70 7.21
CA ASP A 75 3.27 0.85 8.37
C ASP A 75 4.35 0.89 9.46
N ILE A 76 5.64 1.02 9.13
CA ILE A 76 6.71 1.08 10.17
C ILE A 76 6.63 2.38 10.96
N MET A 77 5.90 3.40 10.50
CA MET A 77 5.75 4.67 11.27
C MET A 77 4.50 4.63 12.16
N ALA A 78 3.76 3.54 12.14
CA ALA A 78 2.50 3.38 12.91
C ALA A 78 2.78 2.55 14.17
N ASP A 79 1.83 1.72 14.63
CA ASP A 79 1.79 1.10 15.98
C ASP A 79 1.56 -0.43 15.89
N ASP A 80 1.83 -1.06 14.75
CA ASP A 80 1.47 -2.50 14.52
C ASP A 80 2.70 -3.39 14.34
N LEU A 81 3.80 -2.86 13.80
CA LEU A 81 5.00 -3.66 13.39
C LEU A 81 6.22 -3.12 14.11
N TRP A 82 7.28 -3.91 14.24
CA TRP A 82 8.63 -3.33 14.52
C TRP A 82 9.33 -3.20 13.17
N VAL A 83 10.61 -2.82 13.16
CA VAL A 83 11.38 -2.70 11.88
C VAL A 83 12.22 -3.95 11.64
N GLY A 84 12.94 -4.44 12.64
CA GLY A 84 13.64 -5.73 12.52
C GLY A 84 14.90 -5.64 11.69
N GLY A 85 15.25 -6.73 10.99
CA GLY A 85 16.55 -6.89 10.31
C GLY A 85 17.65 -7.22 11.29
N ASP A 86 18.91 -7.11 10.87
CA ASP A 86 20.06 -7.52 11.72
C ASP A 86 20.19 -6.59 12.92
N SER A 87 19.90 -5.29 12.75
CA SER A 87 20.05 -4.26 13.81
C SER A 87 19.43 -2.97 13.31
N LYS A 88 19.64 -1.87 14.04
CA LYS A 88 19.14 -0.52 13.67
C LYS A 88 19.90 0.04 12.47
N THR A 89 21.01 -0.56 12.03
CA THR A 89 21.77 -0.07 10.86
C THR A 89 21.45 -0.91 9.63
N ASP A 90 20.64 -1.97 9.77
CA ASP A 90 20.15 -2.76 8.61
C ASP A 90 18.91 -2.04 8.03
N ASN A 91 18.98 -1.54 6.78
CA ASN A 91 17.96 -0.61 6.20
C ASN A 91 17.77 0.53 7.22
N GLN A 92 18.85 1.25 7.55
CA GLN A 92 18.86 2.31 8.60
C GLN A 92 17.77 3.35 8.35
N PRO A 93 17.50 3.82 7.10
CA PRO A 93 16.44 4.80 6.88
C PRO A 93 15.07 4.38 7.48
N TRP A 94 14.78 3.08 7.47
CA TRP A 94 13.55 2.50 8.03
C TRP A 94 13.51 2.73 9.54
N HIS A 95 14.59 2.42 10.27
CA HIS A 95 14.67 2.60 11.74
C HIS A 95 14.55 4.09 12.10
N LEU A 96 15.16 5.00 11.32
CA LEU A 96 15.08 6.44 11.61
C LEU A 96 13.64 6.93 11.43
N MET A 97 12.99 6.59 10.31
CA MET A 97 11.59 6.98 9.98
C MET A 97 10.64 6.51 11.09
N MET A 98 10.75 5.26 11.48
CA MET A 98 9.95 4.63 12.55
C MET A 98 10.03 5.48 13.83
N ASN A 99 11.19 6.04 14.13
CA ASN A 99 11.44 6.77 15.38
C ASN A 99 11.37 8.30 15.15
N PHE A 100 10.70 8.74 14.09
CA PHE A 100 10.48 10.18 13.75
C PHE A 100 11.82 10.94 13.78
N GLU A 101 12.89 10.34 13.28
CA GLU A 101 14.22 11.00 13.20
C GLU A 101 14.87 10.70 11.85
N ALA A 102 14.09 10.67 10.76
CA ALA A 102 14.63 10.63 9.38
C ALA A 102 15.50 11.87 9.15
N ILE A 103 16.56 11.74 8.35
CA ILE A 103 17.46 12.88 7.98
C ILE A 103 17.64 12.87 6.47
N PRO A 104 17.77 14.07 5.83
CA PRO A 104 17.81 14.18 4.38
C PRO A 104 18.90 13.31 3.69
N THR A 105 19.99 13.04 4.41
CA THR A 105 21.19 12.33 3.89
C THR A 105 21.07 10.83 4.14
N ASN A 106 20.04 10.38 4.85
CA ASN A 106 19.84 8.95 5.16
C ASN A 106 18.35 8.63 5.05
N MET A 107 17.80 8.83 3.85
CA MET A 107 16.34 8.82 3.61
C MET A 107 16.00 7.76 2.57
N ILE A 108 14.73 7.37 2.50
CA ILE A 108 14.20 6.52 1.40
C ILE A 108 14.15 7.41 0.16
N TYR A 109 15.00 7.15 -0.80
CA TYR A 109 15.10 7.93 -2.06
C TYR A 109 14.47 7.12 -3.20
N GLY A 110 14.47 5.79 -3.11
CA GLY A 110 13.98 4.92 -4.20
C GLY A 110 12.54 5.23 -4.55
N LEU A 111 11.67 5.35 -3.55
CA LEU A 111 10.23 5.57 -3.78
C LEU A 111 10.05 6.89 -4.51
N TRP A 112 10.78 7.94 -4.11
CA TRP A 112 10.79 9.26 -4.80
C TRP A 112 11.05 9.04 -6.30
N LYS A 113 12.14 8.37 -6.63
CA LYS A 113 12.54 8.12 -8.04
C LYS A 113 11.46 7.28 -8.76
N CYS A 114 10.83 6.33 -8.06
CA CYS A 114 9.80 5.46 -8.66
C CYS A 114 8.61 6.34 -9.07
N ALA A 115 8.15 7.19 -8.16
CA ALA A 115 6.95 8.02 -8.31
C ALA A 115 7.14 8.95 -9.51
N TYR A 116 8.28 9.66 -9.53
CA TYR A 116 8.56 10.66 -10.58
C TYR A 116 8.83 9.95 -11.92
N SER A 117 9.39 8.74 -11.95
CA SER A 117 9.47 7.90 -13.18
C SER A 117 8.05 7.64 -13.70
N GLY A 118 7.15 7.24 -12.81
CA GLY A 118 5.73 7.08 -13.14
C GLY A 118 5.17 8.34 -13.74
N VAL A 119 5.32 9.48 -13.06
CA VAL A 119 4.75 10.76 -13.57
C VAL A 119 5.27 11.02 -15.00
N LYS A 120 6.56 10.81 -15.21
CA LYS A 120 7.22 11.13 -16.48
C LYS A 120 6.60 10.26 -17.58
N ARG A 121 6.41 8.96 -17.33
CA ARG A 121 5.86 8.04 -18.35
C ARG A 121 4.42 8.42 -18.70
N CYS A 122 3.64 8.90 -17.72
CA CYS A 122 2.25 9.36 -17.96
C CYS A 122 2.25 10.65 -18.80
N ASN A 123 3.13 11.58 -18.45
CA ASN A 123 3.28 12.86 -19.18
C ASN A 123 3.63 12.57 -20.65
N ASP A 124 4.53 11.59 -20.88
CA ASP A 124 4.98 11.14 -22.22
C ASP A 124 3.72 10.80 -23.04
N VAL A 125 2.78 10.06 -22.45
CA VAL A 125 1.59 9.57 -23.20
C VAL A 125 0.69 10.77 -23.55
N ILE A 126 0.51 11.73 -22.65
CA ILE A 126 -0.35 12.92 -22.92
C ILE A 126 0.23 13.72 -24.10
N THR A 127 1.56 13.83 -24.17
CA THR A 127 2.30 14.59 -25.21
C THR A 127 2.19 13.83 -26.55
N TYR A 128 2.48 12.52 -26.55
CA TYR A 128 2.37 11.61 -27.72
C TYR A 128 0.97 11.70 -28.33
N LEU A 129 -0.07 11.76 -27.47
CA LEU A 129 -1.48 11.81 -27.93
C LEU A 129 -1.78 13.12 -28.67
N ASP A 130 -1.11 14.22 -28.31
CA ASP A 130 -1.20 15.52 -29.06
C ASP A 130 -0.76 15.30 -30.52
N TRP A 131 0.26 14.46 -30.77
CA TRP A 131 0.87 14.20 -32.10
C TRP A 131 0.39 12.84 -32.67
N ALA A 132 -0.84 12.41 -32.42
CA ALA A 132 -1.36 11.08 -32.86
C ALA A 132 -2.46 11.25 -33.91
N THR A 133 -2.49 10.40 -34.95
CA THR A 133 -3.59 10.40 -35.95
C THR A 133 -4.19 8.99 -36.06
N ASP A 134 -5.43 8.90 -36.52
CA ASP A 134 -6.20 7.63 -36.63
C ASP A 134 -6.20 6.89 -35.27
N VAL A 135 -6.25 7.65 -34.17
CA VAL A 135 -6.68 7.13 -32.84
C VAL A 135 -8.17 7.47 -32.71
N THR A 136 -9.02 6.48 -32.50
CA THR A 136 -10.46 6.71 -32.28
C THR A 136 -10.61 7.61 -31.04
N ASP A 137 -11.72 8.34 -30.97
CA ASP A 137 -12.12 9.18 -29.81
C ASP A 137 -12.14 8.30 -28.55
N ALA A 138 -12.69 7.09 -28.64
CA ALA A 138 -12.86 6.14 -27.52
C ALA A 138 -11.48 5.75 -27.00
N ASN A 139 -10.57 5.35 -27.90
CA ASN A 139 -9.19 4.89 -27.53
C ASN A 139 -8.40 6.07 -26.95
N ARG A 140 -8.51 7.26 -27.54
CA ARG A 140 -7.88 8.51 -27.03
C ARG A 140 -8.35 8.74 -25.58
N ALA A 141 -9.66 8.76 -25.35
CA ALA A 141 -10.22 8.90 -23.98
C ALA A 141 -9.65 7.79 -23.07
N TYR A 142 -9.61 6.53 -23.53
CA TYR A 142 -9.20 5.38 -22.69
C TYR A 142 -7.74 5.52 -22.25
N TYR A 143 -6.86 5.86 -23.18
CA TYR A 143 -5.42 6.07 -22.96
C TYR A 143 -5.21 7.22 -21.96
N GLU A 144 -5.89 8.36 -22.17
CA GLU A 144 -5.87 9.53 -21.23
C GLU A 144 -6.35 9.11 -19.83
N ALA A 145 -7.50 8.46 -19.73
CA ALA A 145 -8.10 8.08 -18.43
C ALA A 145 -7.05 7.30 -17.63
N GLN A 146 -6.40 6.32 -18.26
CA GLN A 146 -5.44 5.40 -17.61
C GLN A 146 -4.25 6.21 -17.11
N VAL A 147 -3.60 6.98 -17.98
CA VAL A 147 -2.30 7.61 -17.60
C VAL A 147 -2.56 8.79 -16.64
N ILE A 148 -3.71 9.47 -16.71
CA ILE A 148 -4.01 10.58 -15.74
C ILE A 148 -4.32 9.98 -14.35
N ALA A 149 -5.04 8.86 -14.27
CA ALA A 149 -5.31 8.15 -12.98
C ALA A 149 -4.00 7.66 -12.39
N LEU A 150 -3.12 7.06 -13.21
CA LEU A 150 -1.80 6.60 -12.74
C LEU A 150 -1.00 7.81 -12.25
N ARG A 151 -1.06 8.93 -12.98
CA ARG A 151 -0.25 10.10 -12.62
C ARG A 151 -0.64 10.56 -11.22
N VAL A 152 -1.93 10.60 -10.93
CA VAL A 152 -2.45 10.92 -9.57
C VAL A 152 -2.02 9.83 -8.59
N PHE A 153 -2.04 8.57 -8.98
CA PHE A 153 -1.57 7.49 -8.10
C PHE A 153 -0.12 7.76 -7.69
N TYR A 154 0.78 8.02 -8.64
CA TYR A 154 2.22 8.27 -8.40
C TYR A 154 2.38 9.54 -7.55
N TYR A 155 1.63 10.60 -7.84
CA TYR A 155 1.76 11.84 -7.05
C TYR A 155 1.30 11.59 -5.62
N ASN A 156 0.33 10.68 -5.42
CA ASN A 156 -0.21 10.37 -4.07
C ASN A 156 0.93 9.82 -3.20
N TRP A 157 1.81 9.00 -3.75
CA TRP A 157 3.00 8.50 -3.02
C TRP A 157 3.85 9.68 -2.50
N VAL A 158 4.23 10.62 -3.36
CA VAL A 158 5.12 11.73 -2.90
C VAL A 158 4.32 12.72 -2.07
N TRP A 159 3.03 12.91 -2.36
CA TRP A 159 2.17 13.84 -1.58
C TRP A 159 2.09 13.36 -0.13
N LYS A 160 1.81 12.08 0.09
CA LYS A 160 1.66 11.52 1.45
C LYS A 160 3.01 11.50 2.19
N PHE A 161 4.08 11.02 1.55
CA PHE A 161 5.37 10.88 2.26
C PHE A 161 6.08 12.24 2.43
N TRP A 162 6.07 13.16 1.44
CA TRP A 162 6.90 14.38 1.46
C TRP A 162 6.07 15.67 1.36
N GLY A 163 4.83 15.61 0.86
CA GLY A 163 3.87 16.72 0.85
C GLY A 163 4.20 17.87 -0.10
N ASN A 164 5.28 18.61 0.16
CA ASN A 164 5.60 19.87 -0.57
C ASN A 164 6.61 19.48 -1.65
N VAL A 165 6.14 19.09 -2.83
CA VAL A 165 7.03 18.43 -3.83
C VAL A 165 6.85 19.08 -5.19
N PRO A 166 7.81 18.86 -6.12
CA PRO A 166 7.71 19.46 -7.44
C PRO A 166 6.54 18.85 -8.22
N TYR A 167 5.87 19.68 -9.02
CA TYR A 167 4.75 19.26 -9.88
C TYR A 167 5.10 19.55 -11.33
N PHE A 168 4.85 18.61 -12.21
CA PHE A 168 4.83 18.84 -13.68
C PHE A 168 3.75 17.94 -14.33
N ASP A 169 2.98 18.52 -15.26
CA ASP A 169 1.97 17.80 -16.09
C ASP A 169 2.47 17.67 -17.54
N LYS A 170 3.64 18.24 -17.83
CA LYS A 170 4.39 18.07 -19.11
C LYS A 170 5.87 17.94 -18.76
N ASN A 171 6.65 17.21 -19.57
CA ASN A 171 8.14 17.08 -19.44
C ASN A 171 8.81 18.11 -20.36
N GLU A 179 9.01 23.42 -10.29
CA GLU A 179 8.06 24.21 -9.46
C GLU A 179 7.59 23.36 -8.26
N GLN A 180 7.98 23.76 -7.05
CA GLN A 180 7.56 23.14 -5.77
C GLN A 180 6.17 23.64 -5.41
N LEU A 181 5.20 22.74 -5.25
CA LEU A 181 3.85 23.09 -4.74
C LEU A 181 3.82 22.86 -3.24
N THR A 182 2.96 23.59 -2.52
CA THR A 182 2.53 23.18 -1.15
C THR A 182 1.72 21.89 -1.28
N ALA A 183 1.71 21.09 -0.21
CA ALA A 183 0.85 19.89 -0.12
C ALA A 183 -0.56 20.27 -0.61
N ASP A 184 -1.12 21.39 -0.16
CA ASP A 184 -2.52 21.81 -0.47
C ASP A 184 -2.67 22.08 -1.96
N GLN A 185 -1.65 22.65 -2.59
CA GLN A 185 -1.64 22.95 -4.06
C GLN A 185 -1.57 21.65 -4.90
N LEU A 186 -0.69 20.71 -4.55
CA LEU A 186 -0.63 19.36 -5.17
C LEU A 186 -1.98 18.66 -5.01
N TYR A 187 -2.60 18.68 -3.84
CA TYR A 187 -3.95 18.11 -3.63
C TYR A 187 -4.94 18.61 -4.70
N GLU A 188 -5.03 19.93 -4.92
CA GLU A 188 -6.03 20.53 -5.86
C GLU A 188 -5.75 20.06 -7.28
N LYS A 189 -4.48 19.93 -7.67
CA LYS A 189 -4.07 19.37 -8.98
C LYS A 189 -4.59 17.93 -9.08
N MET A 190 -4.29 17.12 -8.06
CA MET A 190 -4.59 15.68 -8.08
C MET A 190 -6.10 15.52 -8.19
N VAL A 191 -6.86 16.20 -7.35
CA VAL A 191 -8.31 15.87 -7.26
C VAL A 191 -9.00 16.40 -8.53
N THR A 192 -8.53 17.52 -9.08
CA THR A 192 -9.03 18.08 -10.36
C THR A 192 -8.76 17.09 -11.52
N SER A 193 -7.58 16.50 -11.60
CA SER A 193 -7.24 15.42 -12.57
C SER A 193 -8.19 14.21 -12.49
N LEU A 194 -8.49 13.74 -11.28
CA LEU A 194 -9.39 12.59 -11.04
C LEU A 194 -10.79 12.94 -11.55
N GLU A 195 -11.30 14.13 -11.21
CA GLU A 195 -12.59 14.68 -11.74
C GLU A 195 -12.61 14.59 -13.27
N GLU A 196 -11.54 15.02 -13.94
CA GLU A 196 -11.41 14.94 -15.42
C GLU A 196 -11.46 13.47 -15.91
N VAL A 197 -10.86 12.52 -15.20
CA VAL A 197 -10.87 11.09 -15.60
C VAL A 197 -12.28 10.54 -15.47
N ILE A 198 -13.00 10.86 -14.41
CA ILE A 198 -14.38 10.33 -14.16
C ILE A 198 -15.28 10.84 -15.30
N GLN A 199 -15.13 12.11 -15.65
CA GLN A 199 -15.98 12.81 -16.66
C GLN A 199 -15.71 12.31 -18.08
N LEU A 200 -14.54 11.70 -18.37
CA LEU A 200 -14.26 11.05 -19.67
C LEU A 200 -15.27 9.90 -19.86
N ASN A 201 -15.73 9.30 -18.76
CA ASN A 201 -16.80 8.29 -18.83
C ASN A 201 -16.38 7.12 -19.74
N VAL A 202 -15.16 6.62 -19.59
CA VAL A 202 -14.62 5.61 -20.53
C VAL A 202 -14.21 4.34 -19.79
N LEU A 203 -13.91 4.41 -18.48
CA LEU A 203 -13.31 3.28 -17.73
C LEU A 203 -14.42 2.31 -17.36
N PRO A 204 -14.20 0.98 -17.45
CA PRO A 204 -15.17 0.03 -16.93
C PRO A 204 -15.10 -0.01 -15.39
N MET A 205 -16.14 -0.51 -14.75
CA MET A 205 -16.26 -0.60 -13.28
C MET A 205 -15.31 -1.70 -12.80
N ARG A 206 -15.18 -2.79 -13.54
CA ARG A 206 -14.33 -3.95 -13.18
C ARG A 206 -13.72 -4.50 -14.46
N GLU A 207 -12.47 -4.97 -14.40
CA GLU A 207 -11.80 -5.57 -15.58
C GLU A 207 -12.10 -7.07 -15.66
N ASP A 208 -11.70 -7.68 -16.79
CA ASP A 208 -11.75 -9.15 -17.06
C ASP A 208 -10.40 -9.82 -16.73
N SER A 209 -10.36 -11.15 -16.82
CA SER A 209 -9.23 -12.05 -16.49
C SER A 209 -7.96 -11.54 -17.15
N GLU A 210 -8.06 -11.20 -18.42
CA GLU A 210 -6.93 -10.78 -19.28
C GLU A 210 -6.39 -9.41 -18.85
N ASN A 211 -7.19 -8.50 -18.28
CA ASN A 211 -6.75 -7.08 -18.15
C ASN A 211 -6.70 -6.61 -16.69
N TYR A 212 -6.86 -7.53 -15.74
CA TYR A 212 -6.75 -7.20 -14.30
C TYR A 212 -5.41 -6.51 -14.03
N GLY A 213 -5.47 -5.34 -13.40
CA GLY A 213 -4.30 -4.50 -13.15
C GLY A 213 -4.41 -3.18 -13.85
N ARG A 214 -5.20 -3.13 -14.93
CA ARG A 214 -5.56 -1.86 -15.60
C ARG A 214 -6.37 -0.99 -14.65
N VAL A 215 -6.21 0.32 -14.80
CA VAL A 215 -7.08 1.34 -14.14
C VAL A 215 -8.54 1.00 -14.49
N THR A 216 -9.42 1.06 -13.50
CA THR A 216 -10.88 0.93 -13.61
C THR A 216 -11.56 2.11 -12.92
N LEU A 217 -12.88 2.27 -13.11
CA LEU A 217 -13.61 3.40 -12.46
C LEU A 217 -13.54 3.22 -10.94
N ALA A 218 -13.71 1.98 -10.45
CA ALA A 218 -13.69 1.66 -9.00
C ALA A 218 -12.34 2.02 -8.40
N MET A 219 -11.24 1.69 -9.08
CA MET A 219 -9.90 2.12 -8.62
C MET A 219 -9.90 3.66 -8.52
N VAL A 220 -10.41 4.35 -9.53
CA VAL A 220 -10.38 5.85 -9.55
C VAL A 220 -11.20 6.38 -8.37
N TYR A 221 -12.33 5.76 -8.09
CA TYR A 221 -13.20 6.16 -6.99
C TYR A 221 -12.47 5.99 -5.67
N MET A 222 -11.78 4.85 -5.48
CA MET A 222 -11.10 4.55 -4.19
C MET A 222 -9.95 5.54 -4.01
N LEU A 223 -9.31 5.92 -5.11
CA LEU A 223 -8.17 6.86 -5.09
C LEU A 223 -8.71 8.25 -4.76
N TYR A 224 -9.86 8.61 -5.33
CA TYR A 224 -10.57 9.87 -5.02
C TYR A 224 -10.85 9.94 -3.50
N ALA A 225 -11.45 8.89 -2.95
CA ALA A 225 -11.80 8.82 -1.50
C ALA A 225 -10.53 8.92 -0.65
N GLU A 226 -9.47 8.23 -1.04
CA GLU A 226 -8.21 8.22 -0.26
C GLU A 226 -7.68 9.65 -0.15
N ILE A 227 -7.60 10.40 -1.26
CA ILE A 227 -6.99 11.76 -1.21
C ILE A 227 -7.96 12.75 -0.59
N VAL A 228 -9.25 12.64 -0.87
CA VAL A 228 -10.25 13.54 -0.24
C VAL A 228 -10.22 13.38 1.28
N MET A 229 -10.10 12.14 1.77
CA MET A 229 -10.15 11.85 3.22
C MET A 229 -8.83 12.25 3.85
N TYR A 230 -7.68 11.98 3.23
CA TYR A 230 -6.37 12.41 3.80
C TYR A 230 -6.29 13.95 3.91
N GLN A 231 -6.85 14.67 2.93
CA GLN A 231 -6.86 16.15 2.90
C GLN A 231 -7.87 16.69 3.91
N ASN A 232 -8.81 15.87 4.38
CA ASN A 232 -9.94 16.34 5.22
C ASN A 232 -10.72 17.39 4.40
N ASP A 233 -10.88 17.16 3.09
CA ASP A 233 -11.64 18.07 2.20
C ASP A 233 -13.13 17.73 2.31
N ASP A 234 -13.82 18.26 3.31
CA ASP A 234 -15.22 17.83 3.53
C ASP A 234 -16.17 18.43 2.48
N SER A 235 -15.72 19.38 1.67
CA SER A 235 -16.50 19.90 0.53
C SER A 235 -16.70 18.79 -0.52
N ARG A 236 -15.87 17.74 -0.52
CA ARG A 236 -16.00 16.60 -1.46
C ARG A 236 -16.44 15.32 -0.77
N TYR A 237 -16.87 15.35 0.48
CA TYR A 237 -17.27 14.12 1.21
C TYR A 237 -18.50 13.51 0.52
N SER A 238 -19.48 14.34 0.18
CA SER A 238 -20.73 13.92 -0.53
C SER A 238 -20.42 13.14 -1.81
N THR A 239 -19.56 13.71 -2.62
CA THR A 239 -19.12 13.08 -3.89
C THR A 239 -18.40 11.77 -3.58
N ALA A 240 -17.46 11.76 -2.62
CA ALA A 240 -16.76 10.52 -2.23
C ALA A 240 -17.78 9.45 -1.84
N LEU A 241 -18.78 9.77 -1.01
CA LEU A 241 -19.78 8.81 -0.51
C LEU A 241 -20.59 8.30 -1.73
N LYS A 242 -20.97 9.17 -2.65
CA LYS A 242 -21.71 8.75 -3.87
C LYS A 242 -20.88 7.70 -4.63
N TYR A 243 -19.59 7.94 -4.78
CA TYR A 243 -18.67 7.01 -5.47
C TYR A 243 -18.59 5.70 -4.69
N MET A 244 -18.41 5.74 -3.37
CA MET A 244 -18.37 4.50 -2.58
C MET A 244 -19.71 3.75 -2.77
N GLU A 245 -20.85 4.43 -2.73
CA GLU A 245 -22.17 3.76 -2.86
C GLU A 245 -22.29 3.10 -4.25
N GLU A 246 -21.66 3.65 -5.29
CA GLU A 246 -21.67 3.08 -6.68
C GLU A 246 -20.91 1.75 -6.67
N ILE A 247 -19.80 1.66 -5.94
CA ILE A 247 -19.08 0.35 -5.78
C ILE A 247 -19.94 -0.63 -4.99
N ILE A 248 -20.52 -0.19 -3.87
CA ILE A 248 -21.39 -1.03 -2.99
C ILE A 248 -22.59 -1.52 -3.82
N SER A 249 -23.20 -0.66 -4.64
CA SER A 249 -24.33 -1.02 -5.51
C SER A 249 -23.89 -2.02 -6.59
N SER A 250 -22.62 -2.08 -6.97
CA SER A 250 -22.16 -3.03 -8.01
C SER A 250 -22.19 -4.45 -7.46
N PRO A 251 -22.76 -5.42 -8.23
CA PRO A 251 -22.78 -6.82 -7.83
C PRO A 251 -21.46 -7.56 -8.11
N GLN A 252 -20.45 -6.84 -8.62
CA GLN A 252 -19.13 -7.44 -8.93
C GLN A 252 -18.03 -6.99 -7.96
N TYR A 253 -18.41 -6.32 -6.88
CA TYR A 253 -17.59 -6.12 -5.68
C TYR A 253 -18.37 -6.61 -4.49
N ASP A 254 -17.68 -7.28 -3.58
CA ASP A 254 -18.30 -7.82 -2.35
C ASP A 254 -17.16 -8.27 -1.46
N LEU A 255 -17.48 -8.63 -0.22
CA LEU A 255 -16.51 -9.22 0.72
C LEU A 255 -16.33 -10.69 0.37
N MET A 256 -15.08 -11.15 0.38
CA MET A 256 -14.73 -12.57 0.51
C MET A 256 -15.28 -13.08 1.85
N PRO A 257 -16.08 -14.17 1.84
CA PRO A 257 -16.67 -14.65 3.07
C PRO A 257 -15.59 -15.12 4.06
N ASP A 258 -14.49 -15.68 3.57
CA ASP A 258 -13.35 -16.13 4.41
C ASP A 258 -12.18 -15.12 4.31
N TYR A 259 -11.86 -14.42 5.39
CA TYR A 259 -10.76 -13.42 5.42
C TYR A 259 -9.44 -14.11 5.07
N THR A 260 -9.24 -15.36 5.49
CA THR A 260 -8.01 -16.16 5.26
C THR A 260 -7.85 -16.52 3.77
N ASP A 261 -8.81 -16.27 2.90
CA ASP A 261 -8.65 -16.57 1.46
C ASP A 261 -8.11 -15.35 0.72
N ILE A 262 -8.13 -14.17 1.32
CA ILE A 262 -7.82 -12.89 0.60
C ILE A 262 -6.37 -12.91 0.11
N PHE A 263 -5.41 -13.23 0.98
CA PHE A 263 -3.96 -13.00 0.74
C PHE A 263 -3.29 -14.24 0.11
N LYS A 264 -4.04 -15.32 -0.09
CA LYS A 264 -3.56 -16.46 -0.88
C LYS A 264 -3.47 -16.04 -2.36
N GLU A 265 -2.66 -16.76 -3.12
CA GLU A 265 -2.54 -16.57 -4.59
C GLU A 265 -3.93 -16.68 -5.22
N THR A 266 -4.76 -17.61 -4.75
CA THR A 266 -6.14 -17.87 -5.28
C THR A 266 -7.05 -16.70 -4.92
N GLY A 267 -6.62 -15.81 -4.01
CA GLY A 267 -7.41 -14.61 -3.60
C GLY A 267 -7.14 -13.40 -4.46
N GLU A 268 -6.13 -13.45 -5.34
CA GLU A 268 -5.78 -12.34 -6.24
C GLU A 268 -6.97 -12.03 -7.15
N TRP A 269 -7.34 -10.76 -7.22
CA TRP A 269 -8.40 -10.29 -8.15
C TRP A 269 -9.72 -11.03 -7.88
N SER A 270 -9.98 -11.34 -6.62
CA SER A 270 -11.25 -11.91 -6.14
C SER A 270 -12.35 -10.85 -6.24
N ILE A 271 -13.54 -11.20 -5.75
CA ILE A 271 -14.70 -10.28 -5.80
C ILE A 271 -14.45 -9.09 -4.87
N GLU A 272 -13.55 -9.26 -3.92
CA GLU A 272 -13.19 -8.22 -2.94
C GLU A 272 -12.18 -7.22 -3.52
N SER A 273 -11.39 -7.60 -4.53
CA SER A 273 -10.26 -6.76 -5.02
C SER A 273 -10.77 -5.71 -5.99
N ILE A 274 -10.48 -4.47 -5.66
CA ILE A 274 -10.65 -3.27 -6.54
C ILE A 274 -9.34 -2.98 -7.28
N PHE A 275 -8.21 -2.98 -6.58
CA PHE A 275 -6.90 -2.70 -7.21
C PHE A 275 -5.77 -3.44 -6.51
N GLU A 276 -4.92 -4.06 -7.32
CA GLU A 276 -3.70 -4.77 -6.86
C GLU A 276 -2.58 -4.36 -7.82
N ILE A 277 -1.35 -4.38 -7.33
CA ILE A 277 -0.15 -4.29 -8.19
C ILE A 277 0.29 -5.73 -8.46
N ASN A 278 0.33 -6.10 -9.74
CA ASN A 278 0.60 -7.50 -10.17
C ASN A 278 2.07 -7.87 -9.93
N TYR A 279 2.29 -9.02 -9.32
CA TYR A 279 3.62 -9.64 -9.24
C TYR A 279 3.43 -11.10 -9.61
N LYS A 280 4.37 -11.69 -10.34
CA LYS A 280 4.27 -13.09 -10.78
C LYS A 280 5.61 -13.79 -10.54
N ASP A 281 5.57 -15.10 -10.30
CA ASP A 281 6.76 -15.97 -10.31
C ASP A 281 6.86 -16.67 -11.68
N ASP A 282 5.78 -16.72 -12.46
CA ASP A 282 5.73 -17.53 -13.70
C ASP A 282 6.79 -17.01 -14.67
N ASN A 283 7.95 -17.68 -14.75
CA ASN A 283 9.08 -17.30 -15.66
C ASN A 283 9.51 -15.85 -15.35
N ALA A 284 9.43 -15.44 -14.09
CA ALA A 284 9.81 -14.07 -13.66
C ALA A 284 11.34 -13.97 -13.68
N VAL A 285 11.88 -12.85 -14.14
CA VAL A 285 13.36 -12.67 -14.29
C VAL A 285 13.78 -11.31 -13.75
N ARG A 286 13.02 -10.74 -12.80
CA ARG A 286 13.51 -9.58 -12.04
C ARG A 286 14.80 -10.00 -11.32
N ASP A 287 15.82 -9.15 -11.40
CA ASP A 287 17.16 -9.48 -10.83
C ASP A 287 17.75 -8.22 -10.18
N TRP A 288 18.81 -8.42 -9.41
CA TRP A 288 19.50 -7.36 -8.61
C TRP A 288 19.92 -6.19 -9.51
N GLY A 289 20.50 -6.50 -10.69
CA GLY A 289 21.00 -5.52 -11.68
C GLY A 289 19.90 -5.04 -12.62
N SER A 290 18.76 -5.76 -12.71
CA SER A 290 17.60 -5.46 -13.60
C SER A 290 16.32 -5.43 -12.76
N PRO A 291 16.27 -4.48 -11.82
CA PRO A 291 15.16 -4.40 -10.86
C PRO A 291 13.81 -3.97 -11.46
N LEU A 292 13.82 -3.34 -12.64
CA LEU A 292 12.63 -2.61 -13.17
C LEU A 292 11.80 -3.54 -14.07
N VAL A 293 12.28 -4.76 -14.33
CA VAL A 293 11.54 -5.71 -15.20
C VAL A 293 10.33 -6.25 -14.41
N ALA A 294 9.21 -6.47 -15.10
CA ALA A 294 7.97 -7.06 -14.54
C ALA A 294 8.23 -8.53 -14.21
N GLY A 295 8.54 -8.83 -12.95
CA GLY A 295 8.53 -10.21 -12.42
C GLY A 295 7.78 -10.28 -11.10
N GLY A 296 8.45 -10.78 -10.06
CA GLY A 296 7.86 -10.91 -8.71
C GLY A 296 8.26 -9.78 -7.77
N THR A 297 8.00 -9.98 -6.48
CA THR A 297 8.23 -8.97 -5.42
C THR A 297 9.30 -9.49 -4.48
N ALA A 298 10.05 -8.57 -3.88
CA ALA A 298 11.03 -8.80 -2.79
C ALA A 298 10.35 -8.86 -1.43
N LEU A 299 9.09 -8.44 -1.32
CA LEU A 299 8.43 -8.19 -0.01
C LEU A 299 8.51 -9.42 0.88
N PRO A 300 8.07 -10.64 0.48
CA PRO A 300 8.12 -11.77 1.43
C PRO A 300 9.53 -12.17 1.89
N THR A 301 10.58 -11.90 1.10
CA THR A 301 11.98 -12.17 1.51
C THR A 301 12.33 -11.22 2.66
N LEU A 302 11.93 -9.95 2.55
CA LEU A 302 12.23 -8.94 3.59
C LEU A 302 11.65 -9.38 4.94
N ILE A 303 10.41 -9.85 4.99
CA ILE A 303 9.62 -9.89 6.27
C ILE A 303 9.39 -11.31 6.80
N SER A 304 10.01 -12.33 6.20
CA SER A 304 9.89 -13.72 6.69
C SER A 304 11.06 -14.04 7.63
N PRO A 305 10.94 -15.05 8.51
CA PRO A 305 11.92 -15.31 9.58
C PRO A 305 13.30 -15.73 9.05
N TYR A 306 14.36 -15.21 9.65
CA TYR A 306 15.77 -15.42 9.21
C TYR A 306 16.16 -16.88 9.47
N ILE A 307 16.54 -17.59 8.43
CA ILE A 307 16.99 -19.01 8.49
C ILE A 307 15.88 -19.84 9.13
N TRP A 308 14.65 -19.53 8.76
CA TRP A 308 13.51 -20.49 8.86
C TRP A 308 13.86 -21.76 8.09
N PRO A 309 13.50 -22.95 8.63
CA PRO A 309 13.62 -24.21 7.89
C PRO A 309 12.55 -24.34 6.78
N ASN A 310 12.94 -23.96 5.55
CA ASN A 310 12.01 -23.86 4.40
C ASN A 310 11.13 -25.11 4.34
N GLY A 311 9.82 -24.91 4.16
CA GLY A 311 8.82 -25.98 3.98
C GLY A 311 8.08 -26.29 5.26
N THR A 312 8.68 -26.07 6.44
CA THR A 312 8.00 -26.30 7.75
C THR A 312 6.81 -25.34 7.81
N ASP A 313 5.62 -25.90 8.06
CA ASP A 313 4.32 -25.20 8.04
C ASP A 313 4.11 -24.45 6.71
N ASN A 314 4.68 -24.96 5.60
CA ASN A 314 4.66 -24.34 4.24
C ASN A 314 5.05 -22.85 4.29
N HIS A 315 5.95 -22.48 5.19
CA HIS A 315 6.62 -21.15 5.21
C HIS A 315 8.09 -21.29 4.79
N ASP A 316 8.61 -20.22 4.18
CA ASP A 316 10.01 -20.10 3.71
C ASP A 316 10.67 -18.95 4.45
N ARG A 317 11.99 -18.85 4.32
CA ARG A 317 12.80 -17.94 5.14
C ARG A 317 12.85 -16.54 4.51
N GLY A 318 13.27 -15.57 5.30
CA GLY A 318 13.54 -14.20 4.83
C GLY A 318 14.58 -13.54 5.69
N TRP A 319 14.50 -12.22 5.81
CA TRP A 319 15.54 -11.43 6.51
C TRP A 319 15.01 -10.87 7.85
N GLY A 320 13.85 -11.31 8.33
CA GLY A 320 13.32 -10.90 9.64
C GLY A 320 13.04 -9.42 9.79
N PHE A 321 12.61 -8.72 8.74
CA PHE A 321 12.10 -7.34 8.86
C PHE A 321 10.62 -7.39 9.23
N CYS A 322 10.13 -6.31 9.83
CA CYS A 322 8.71 -6.08 10.24
C CYS A 322 8.14 -7.29 10.97
N PRO A 323 8.78 -7.69 12.10
CA PRO A 323 8.11 -8.57 13.05
C PRO A 323 6.82 -7.88 13.52
N VAL A 324 5.77 -8.67 13.70
CA VAL A 324 4.45 -8.17 14.18
C VAL A 324 4.59 -7.95 15.69
N ARG A 325 4.22 -6.77 16.18
CA ARG A 325 4.24 -6.48 17.65
C ARG A 325 3.29 -7.43 18.38
N LYS A 326 3.71 -7.91 19.55
CA LYS A 326 2.88 -8.73 20.45
C LYS A 326 1.55 -8.01 20.71
N GLU A 327 1.57 -6.68 20.82
CA GLU A 327 0.37 -5.86 21.12
C GLU A 327 -0.62 -6.02 19.98
N THR A 328 -0.13 -6.21 18.76
CA THR A 328 -0.96 -6.39 17.56
C THR A 328 -1.71 -7.70 17.72
N TYR A 329 -1.01 -8.77 18.08
CA TYR A 329 -1.66 -10.09 18.31
C TYR A 329 -2.69 -9.96 19.44
N GLU A 330 -2.36 -9.26 20.53
CA GLU A 330 -3.21 -9.17 21.74
C GLU A 330 -4.44 -8.27 21.51
N ARG A 331 -4.49 -7.41 20.49
CA ARG A 331 -5.65 -6.46 20.40
C ARG A 331 -6.84 -7.19 19.79
N TYR A 332 -6.63 -8.37 19.19
CA TYR A 332 -7.73 -9.19 18.60
C TYR A 332 -8.42 -10.00 19.71
N SER A 333 -9.75 -10.05 19.61
CA SER A 333 -10.62 -11.07 20.26
C SER A 333 -10.23 -12.44 19.71
N ASN A 334 -10.35 -13.49 20.52
CA ASN A 334 -10.08 -14.92 20.17
C ASN A 334 -10.96 -15.35 19.01
N ASN A 335 -12.12 -14.71 18.81
CA ASN A 335 -13.09 -15.03 17.73
C ASN A 335 -12.69 -14.42 16.38
N ASP A 336 -11.74 -13.49 16.33
CA ASP A 336 -11.43 -12.70 15.11
C ASP A 336 -10.54 -13.54 14.18
N THR A 337 -11.03 -13.92 13.02
CA THR A 337 -10.27 -14.72 12.02
C THR A 337 -9.09 -13.88 11.49
N ARG A 338 -9.16 -12.55 11.63
CA ARG A 338 -8.05 -11.66 11.17
C ARG A 338 -6.81 -11.92 12.02
N ARG A 339 -6.95 -12.38 13.27
CA ARG A 339 -5.77 -12.47 14.17
C ARG A 339 -4.72 -13.38 13.52
N ASN A 340 -5.08 -14.62 13.17
CA ASN A 340 -4.15 -15.64 12.60
C ASN A 340 -3.84 -15.33 11.12
N ALA A 341 -4.73 -14.64 10.38
CA ALA A 341 -4.49 -14.22 8.97
C ALA A 341 -3.51 -13.05 8.93
N THR A 342 -3.36 -12.33 10.03
CA THR A 342 -2.46 -11.17 10.16
C THR A 342 -1.15 -11.61 10.81
N CYS A 343 -1.26 -12.35 11.92
CA CYS A 343 -0.15 -12.67 12.87
C CYS A 343 0.15 -14.17 12.79
N TRP A 344 1.22 -14.53 12.09
CA TRP A 344 1.74 -15.91 12.00
C TRP A 344 2.72 -16.11 13.15
N ASN A 345 2.36 -16.96 14.10
CA ASN A 345 3.18 -17.33 15.28
C ASN A 345 4.21 -18.39 14.86
N ALA A 346 5.32 -17.94 14.27
CA ALA A 346 6.42 -18.80 13.79
C ALA A 346 7.01 -19.59 14.97
N GLN A 347 7.23 -18.95 16.12
CA GLN A 347 7.84 -19.63 17.28
C GLN A 347 6.95 -20.75 17.82
N ALA A 348 5.64 -20.56 17.87
CA ALA A 348 4.70 -21.58 18.38
C ALA A 348 4.69 -22.79 17.43
N VAL A 349 4.78 -22.54 16.14
CA VAL A 349 4.82 -23.63 15.11
C VAL A 349 6.03 -24.53 15.41
N LEU A 350 7.21 -23.98 15.69
CA LEU A 350 8.44 -24.75 15.99
C LEU A 350 8.35 -25.36 17.41
N ASP A 351 7.84 -24.63 18.41
CA ASP A 351 7.57 -25.18 19.76
C ASP A 351 6.73 -26.47 19.62
N ALA A 352 5.62 -26.44 18.86
CA ALA A 352 4.72 -27.61 18.70
C ALA A 352 5.50 -28.72 17.98
N HIS A 353 6.19 -28.40 16.90
CA HIS A 353 6.97 -29.37 16.09
C HIS A 353 8.03 -30.07 16.96
N ASN A 354 8.73 -29.35 17.84
CA ASN A 354 9.80 -29.91 18.72
C ASN A 354 9.22 -30.79 19.83
N ALA A 355 7.94 -30.63 20.18
CA ALA A 355 7.21 -31.58 21.06
C ALA A 355 6.73 -32.78 20.23
N GLU A 356 6.18 -32.58 19.03
CA GLU A 356 5.67 -33.70 18.16
C GLU A 356 6.85 -34.59 17.70
N HIS A 357 7.95 -34.01 17.17
CA HIS A 357 9.13 -34.74 16.61
C HIS A 357 10.42 -34.31 17.33
N PRO A 358 10.69 -34.76 18.58
CA PRO A 358 11.85 -34.27 19.35
C PRO A 358 13.21 -34.94 19.07
N ASP A 360 14.97 -33.76 16.46
CA ASP A 360 15.39 -32.52 15.76
C ASP A 360 14.84 -31.30 16.50
N LYS A 361 15.66 -30.59 17.27
CA LYS A 361 15.31 -29.25 17.83
C LYS A 361 15.41 -28.24 16.67
N LEU A 362 14.27 -27.94 16.02
CA LEU A 362 14.18 -26.88 14.99
C LEU A 362 14.04 -25.52 15.69
N SER A 363 14.73 -24.55 15.11
CA SER A 363 14.61 -23.12 15.48
C SER A 363 14.80 -22.31 14.21
N TYR A 364 14.39 -21.05 14.24
CA TYR A 364 14.85 -20.03 13.30
C TYR A 364 15.85 -19.16 14.06
N THR A 365 16.53 -18.26 13.35
CA THR A 365 17.48 -17.27 13.92
C THR A 365 16.68 -15.97 14.17
N THR A 366 16.46 -15.67 15.45
CA THR A 366 15.83 -14.43 15.94
C THR A 366 16.74 -13.28 15.52
N ARG A 367 16.16 -12.23 14.94
CA ARG A 367 16.87 -10.99 14.58
C ARG A 367 16.35 -9.89 15.50
N TYR A 368 16.65 -8.64 15.19
CA TYR A 368 16.33 -7.45 16.00
C TYR A 368 14.80 -7.29 16.12
N GLN A 369 14.34 -7.05 17.36
CA GLN A 369 12.91 -6.77 17.70
C GLN A 369 12.04 -8.01 17.41
N ASP A 370 12.64 -9.19 17.42
CA ASP A 370 11.92 -10.49 17.27
C ASP A 370 10.81 -10.55 18.32
N THR A 371 9.65 -11.06 17.94
CA THR A 371 8.48 -11.25 18.85
C THR A 371 8.01 -12.70 18.78
N GLY A 372 8.36 -13.42 17.72
CA GLY A 372 7.84 -14.77 17.41
C GLY A 372 6.72 -14.70 16.39
N PHE A 373 6.22 -13.50 16.09
CA PHE A 373 5.15 -13.27 15.09
C PHE A 373 5.70 -12.49 13.90
N PHE A 374 5.19 -12.88 12.73
CA PHE A 374 5.51 -12.31 11.40
C PHE A 374 4.19 -12.04 10.66
N LEU A 375 4.25 -11.20 9.64
CA LEU A 375 3.05 -10.72 8.94
C LEU A 375 2.62 -11.80 7.95
N GLU A 376 1.61 -12.59 8.31
CA GLU A 376 1.12 -13.74 7.51
C GLU A 376 0.67 -13.29 6.09
N LYS A 377 0.08 -12.10 5.95
CA LYS A 377 -0.50 -11.62 4.67
C LYS A 377 0.55 -11.68 3.54
N TYR A 378 1.79 -11.27 3.82
CA TYR A 378 2.86 -11.19 2.81
C TYR A 378 4.06 -12.09 3.16
N ALA A 379 3.87 -13.08 4.02
CA ALA A 379 4.90 -14.09 4.36
C ALA A 379 5.30 -14.89 3.12
N ALA A 380 6.57 -15.31 3.06
CA ALA A 380 7.09 -16.27 2.06
C ALA A 380 6.45 -17.64 2.30
N ILE A 381 5.63 -18.10 1.35
CA ILE A 381 4.89 -19.40 1.40
C ILE A 381 5.54 -20.35 0.39
N THR A 382 5.93 -21.54 0.82
CA THR A 382 6.57 -22.57 -0.02
C THR A 382 5.82 -22.68 -1.35
N GLY A 383 6.51 -22.47 -2.47
CA GLY A 383 5.98 -22.64 -3.83
C GLY A 383 5.56 -21.33 -4.50
N ASN A 384 5.50 -20.20 -3.77
CA ASN A 384 5.02 -18.90 -4.32
C ASN A 384 6.15 -18.18 -5.10
N ASN A 385 7.34 -18.76 -5.21
CA ASN A 385 8.38 -18.30 -6.18
C ASN A 385 8.93 -19.48 -7.01
N LYS A 386 8.24 -20.63 -7.08
CA LYS A 386 8.82 -21.88 -7.63
C LYS A 386 9.05 -21.76 -9.13
N ASP A 387 8.26 -20.98 -9.88
CA ASP A 387 8.34 -20.96 -11.37
C ASP A 387 9.28 -19.84 -11.87
N GLN A 388 9.99 -19.14 -10.99
CA GLN A 388 10.84 -17.98 -11.37
C GLN A 388 12.14 -18.48 -12.04
N LYS A 389 12.82 -17.63 -12.80
CA LYS A 389 13.96 -18.07 -13.66
C LYS A 389 15.19 -17.19 -13.38
N SER A 390 15.14 -16.36 -12.33
CA SER A 390 16.29 -15.50 -11.93
C SER A 390 16.66 -15.72 -10.45
N SER A 391 16.85 -14.65 -9.68
CA SER A 391 17.08 -14.69 -8.21
C SER A 391 15.73 -14.81 -7.49
N SER A 392 15.51 -15.96 -6.83
CA SER A 392 14.23 -16.37 -6.18
C SER A 392 13.78 -15.33 -5.14
N GLU A 393 14.72 -14.57 -4.57
CA GLU A 393 14.51 -13.51 -3.55
C GLU A 393 13.61 -12.39 -4.07
N LEU A 394 13.67 -12.09 -5.38
CA LEU A 394 12.99 -10.91 -5.95
C LEU A 394 11.74 -11.35 -6.72
N ASN A 395 11.39 -12.64 -6.73
CA ASN A 395 10.39 -13.16 -7.70
C ASN A 395 9.26 -13.92 -6.98
N TRP A 396 8.82 -13.45 -5.80
CA TRP A 396 7.57 -13.91 -5.15
C TRP A 396 6.35 -13.44 -5.98
N ASN A 397 5.31 -14.27 -6.01
CA ASN A 397 4.07 -14.03 -6.81
C ASN A 397 3.04 -13.16 -6.06
N ASN A 398 3.30 -12.77 -4.81
CA ASN A 398 2.29 -12.06 -3.97
C ASN A 398 1.95 -10.70 -4.55
N ASN A 399 0.75 -10.55 -5.11
CA ASN A 399 0.27 -9.22 -5.54
C ASN A 399 0.20 -8.30 -4.31
N LEU A 400 0.45 -7.02 -4.50
CA LEU A 400 0.25 -6.03 -3.42
C LEU A 400 -1.19 -5.52 -3.53
N ARG A 401 -2.02 -5.86 -2.55
CA ARG A 401 -3.43 -5.40 -2.46
C ARG A 401 -3.41 -3.90 -2.08
N ILE A 402 -3.98 -3.04 -2.93
CA ILE A 402 -4.02 -1.57 -2.73
C ILE A 402 -5.41 -1.23 -2.20
N TYR A 403 -6.47 -1.58 -2.94
CA TYR A 403 -7.87 -1.31 -2.54
C TYR A 403 -8.67 -2.60 -2.51
N ARG A 404 -9.32 -2.82 -1.38
CA ARG A 404 -10.26 -3.92 -1.14
C ARG A 404 -11.62 -3.32 -0.77
N TYR A 405 -12.67 -4.08 -1.04
CA TYR A 405 -14.09 -3.75 -0.79
C TYR A 405 -14.32 -3.44 0.69
N SER A 406 -13.59 -4.04 1.62
CA SER A 406 -13.78 -3.70 3.05
C SER A 406 -13.44 -2.21 3.25
N GLU A 407 -12.47 -1.68 2.50
CA GLU A 407 -12.12 -0.24 2.59
C GLU A 407 -13.27 0.57 1.95
N THR A 408 -13.95 0.07 0.92
CA THR A 408 -15.15 0.77 0.35
C THR A 408 -16.20 0.96 1.45
N LEU A 409 -16.50 -0.11 2.19
CA LEU A 409 -17.54 -0.10 3.26
C LEU A 409 -17.14 0.82 4.41
N LEU A 410 -15.91 0.74 4.88
CA LEU A 410 -15.45 1.57 6.02
C LEU A 410 -15.32 3.04 5.57
N ASN A 411 -14.87 3.31 4.33
CA ASN A 411 -14.89 4.66 3.72
C ASN A 411 -16.31 5.21 3.80
N ALA A 412 -17.30 4.48 3.28
CA ALA A 412 -18.72 4.88 3.28
C ALA A 412 -19.21 5.12 4.72
N ALA A 413 -18.99 4.19 5.66
CA ALA A 413 -19.40 4.35 7.07
C ALA A 413 -18.79 5.65 7.62
N GLU A 414 -17.52 5.88 7.38
CA GLU A 414 -16.83 7.07 7.94
C GLU A 414 -17.35 8.36 7.29
N LEU A 415 -17.54 8.41 5.97
CA LEU A 415 -18.05 9.61 5.26
C LEU A 415 -19.47 9.96 5.78
N ILE A 416 -20.31 8.96 6.03
CA ILE A 416 -21.67 9.17 6.58
C ILE A 416 -21.54 9.81 7.98
N THR A 417 -20.68 9.28 8.84
CA THR A 417 -20.52 9.84 10.21
C THR A 417 -19.87 11.24 10.14
N ARG A 418 -19.10 11.58 9.10
CA ARG A 418 -18.52 12.95 8.94
C ARG A 418 -19.44 13.85 8.11
N GLY A 419 -20.74 13.56 8.03
CA GLY A 419 -21.77 14.45 7.47
C GLY A 419 -21.89 14.47 5.95
N ALA A 420 -21.42 13.44 5.27
CA ALA A 420 -21.40 13.37 3.78
C ALA A 420 -22.80 13.16 3.23
N GLY A 421 -23.73 12.72 4.06
CA GLY A 421 -25.12 12.42 3.68
C GLY A 421 -25.62 11.16 4.37
N GLN A 422 -26.87 10.81 4.14
CA GLN A 422 -27.55 9.64 4.73
C GLN A 422 -27.04 8.37 4.04
N GLY A 423 -26.99 7.27 4.79
CA GLY A 423 -26.64 5.91 4.33
C GLY A 423 -26.54 4.99 5.53
N ASP A 424 -26.35 3.69 5.31
CA ASP A 424 -26.41 2.72 6.42
C ASP A 424 -24.99 2.46 6.94
N ALA A 425 -24.43 3.42 7.69
CA ALA A 425 -23.09 3.36 8.31
C ALA A 425 -22.99 2.11 9.20
N LYS A 426 -24.04 1.81 9.96
CA LYS A 426 -24.05 0.67 10.89
C LYS A 426 -24.00 -0.65 10.09
N LYS A 427 -24.82 -0.77 9.04
CA LYS A 427 -24.80 -1.97 8.14
C LYS A 427 -23.39 -2.15 7.55
N TYR A 428 -22.80 -1.08 7.00
CA TYR A 428 -21.48 -1.15 6.31
C TYR A 428 -20.39 -1.56 7.30
N LEU A 429 -20.34 -0.95 8.48
CA LEU A 429 -19.33 -1.28 9.51
C LEU A 429 -19.49 -2.75 9.91
N ASN A 430 -20.72 -3.20 10.13
CA ASN A 430 -20.99 -4.54 10.71
C ASN A 430 -20.78 -5.62 9.67
N LEU A 431 -20.85 -5.30 8.37
CA LEU A 431 -20.52 -6.30 7.33
C LEU A 431 -19.04 -6.68 7.45
N VAL A 432 -18.16 -5.70 7.68
CA VAL A 432 -16.69 -5.95 7.82
C VAL A 432 -16.46 -6.71 9.13
N HIS A 433 -17.01 -6.18 10.23
CA HIS A 433 -16.89 -6.74 11.59
C HIS A 433 -17.34 -8.22 11.62
N LYS A 434 -18.49 -8.55 11.01
CA LYS A 434 -19.05 -9.92 11.03
C LYS A 434 -18.26 -10.84 10.10
N ARG A 435 -17.71 -10.34 8.98
CA ARG A 435 -16.88 -11.17 8.06
C ARG A 435 -15.66 -11.70 8.83
N ALA A 436 -15.15 -10.90 9.75
CA ALA A 436 -14.02 -11.24 10.65
C ALA A 436 -14.42 -12.34 11.65
N GLY A 437 -15.69 -12.75 11.72
CA GLY A 437 -16.20 -13.76 12.67
C GLY A 437 -16.64 -13.19 14.02
N LEU A 438 -16.75 -11.89 14.16
CA LEU A 438 -17.33 -11.25 15.38
C LEU A 438 -18.84 -11.26 15.20
N VAL A 439 -19.62 -11.75 16.17
CA VAL A 439 -21.10 -11.91 15.99
C VAL A 439 -21.86 -10.74 16.64
N THR A 440 -21.26 -10.02 17.59
CA THR A 440 -21.89 -8.86 18.28
C THR A 440 -21.74 -7.58 17.44
N GLU A 441 -22.87 -6.91 17.20
CA GLU A 441 -22.90 -5.69 16.36
C GLU A 441 -22.37 -4.50 17.17
N ILE A 442 -21.67 -3.62 16.49
CA ILE A 442 -21.05 -2.41 17.11
C ILE A 442 -21.69 -1.19 16.44
N GLU A 443 -21.75 -0.07 17.16
CA GLU A 443 -22.31 1.20 16.61
C GLU A 443 -21.26 1.86 15.72
N PRO A 444 -21.71 2.60 14.69
CA PRO A 444 -20.82 3.28 13.74
C PRO A 444 -20.38 4.62 14.31
N THR A 445 -19.68 4.59 15.44
CA THR A 445 -18.96 5.77 15.94
C THR A 445 -17.66 5.90 15.13
N LEU A 446 -17.15 7.11 15.04
CA LEU A 446 -15.84 7.35 14.40
C LEU A 446 -14.77 6.46 15.01
N ASP A 447 -14.72 6.32 16.34
CA ASP A 447 -13.72 5.48 17.07
C ASP A 447 -13.88 4.01 16.69
N ASN A 448 -15.10 3.49 16.55
CA ASN A 448 -15.31 2.08 16.17
C ASN A 448 -14.89 1.87 14.71
N ILE A 449 -15.17 2.83 13.86
CA ILE A 449 -14.83 2.72 12.40
C ILE A 449 -13.31 2.77 12.25
N ILE A 450 -12.64 3.70 12.92
CA ILE A 450 -11.17 3.87 12.86
C ILE A 450 -10.51 2.62 13.45
N GLU A 451 -11.08 2.02 14.49
CA GLU A 451 -10.49 0.79 15.08
C GLU A 451 -10.76 -0.40 14.15
N GLU A 452 -11.92 -0.47 13.50
CA GLU A 452 -12.15 -1.54 12.49
C GLU A 452 -11.09 -1.47 11.38
N ARG A 453 -10.80 -0.30 10.84
CA ARG A 453 -9.68 -0.11 9.87
C ARG A 453 -8.36 -0.65 10.42
N HIS A 454 -8.05 -0.38 11.69
CA HIS A 454 -6.86 -0.86 12.44
C HIS A 454 -6.82 -2.39 12.41
N LEU A 455 -7.94 -3.06 12.73
CA LEU A 455 -8.02 -4.55 12.77
C LEU A 455 -7.92 -5.14 11.35
N GLU A 456 -8.48 -4.44 10.37
CA GLU A 456 -8.68 -4.94 8.99
C GLU A 456 -7.38 -4.83 8.16
N PHE A 457 -6.51 -3.83 8.38
CA PHE A 457 -5.51 -3.42 7.35
C PHE A 457 -4.07 -3.42 7.83
N VAL A 458 -3.71 -4.27 8.80
CA VAL A 458 -2.30 -4.35 9.26
C VAL A 458 -1.41 -4.80 8.10
N GLY A 459 -0.31 -4.06 7.89
CA GLY A 459 0.67 -4.37 6.83
C GLY A 459 0.23 -3.88 5.47
N GLU A 460 -0.92 -3.16 5.35
CA GLU A 460 -1.48 -2.76 4.03
C GLU A 460 -1.28 -1.27 3.75
N GLY A 461 -0.49 -0.56 4.55
CA GLY A 461 -0.15 0.84 4.34
C GLY A 461 -1.32 1.79 4.58
N LYS A 462 -2.20 1.50 5.54
CA LYS A 462 -3.38 2.36 5.82
C LYS A 462 -3.23 3.09 7.17
N ARG A 463 -2.77 2.39 8.21
CA ARG A 463 -2.85 2.85 9.63
C ARG A 463 -2.17 4.22 9.85
N TYR A 464 -0.94 4.42 9.39
CA TYR A 464 -0.19 5.68 9.67
C TYR A 464 -0.99 6.86 9.12
N TRP A 465 -1.45 6.74 7.88
CA TRP A 465 -2.25 7.79 7.18
C TRP A 465 -3.59 8.00 7.90
N ASP A 466 -4.25 6.93 8.35
CA ASP A 466 -5.48 7.02 9.19
C ASP A 466 -5.17 7.80 10.48
N LEU A 467 -4.07 7.49 11.17
CA LEU A 467 -3.74 8.17 12.45
C LEU A 467 -3.53 9.66 12.20
N ILE A 468 -2.80 10.03 11.15
CA ILE A 468 -2.55 11.48 10.88
C ILE A 468 -3.86 12.18 10.51
N ARG A 469 -4.64 11.67 9.55
CA ARG A 469 -5.83 12.38 9.02
C ARG A 469 -6.95 12.47 10.08
N THR A 470 -7.01 11.57 11.05
CA THR A 470 -8.06 11.60 12.09
C THR A 470 -7.59 12.44 13.27
N GLY A 471 -6.33 12.87 13.30
CA GLY A 471 -5.77 13.68 14.40
C GLY A 471 -5.34 12.82 15.59
N LYS A 472 -5.29 11.49 15.44
CA LYS A 472 -4.91 10.57 16.55
C LYS A 472 -3.40 10.34 16.62
N ALA A 473 -2.60 10.70 15.61
CA ALA A 473 -1.14 10.41 15.55
C ALA A 473 -0.40 10.89 16.82
N ALA A 474 -0.59 12.15 17.22
CA ALA A 474 0.10 12.75 18.39
C ALA A 474 -0.19 11.93 19.66
N SER A 475 -1.41 11.42 19.86
CA SER A 475 -1.79 10.66 21.07
C SER A 475 -1.28 9.22 21.01
N VAL A 476 -1.30 8.58 19.84
CA VAL A 476 -1.02 7.12 19.72
C VAL A 476 0.50 6.90 19.58
N LEU A 477 1.18 7.70 18.75
CA LEU A 477 2.59 7.42 18.33
C LEU A 477 3.56 8.09 19.31
N VAL A 478 3.63 7.54 20.52
CA VAL A 478 4.46 8.05 21.64
C VAL A 478 5.48 6.96 22.01
N PRO A 479 6.48 7.26 22.86
CA PRO A 479 7.50 6.26 23.20
C PRO A 479 6.89 4.99 23.78
N ASP A 480 7.34 3.82 23.32
CA ASP A 480 6.83 2.52 23.83
C ASP A 480 7.59 2.09 25.09
N ALA A 481 7.11 1.03 25.74
CA ALA A 481 7.69 0.45 26.98
C ALA A 481 8.93 -0.42 26.70
N TYR A 482 9.28 -0.63 25.44
CA TYR A 482 10.41 -1.51 25.02
C TYR A 482 11.66 -0.68 24.83
N GLY A 483 11.53 0.65 24.76
CA GLY A 483 12.64 1.58 24.46
C GLY A 483 13.00 1.56 22.98
N TYR A 484 12.12 1.08 22.08
CA TYR A 484 12.39 1.06 20.61
C TYR A 484 12.02 2.42 20.04
N ARG A 485 10.76 2.85 20.12
CA ARG A 485 10.42 4.25 19.75
C ARG A 485 10.64 5.10 21.02
N THR A 486 11.53 6.08 20.93
CA THR A 486 11.90 6.98 22.04
C THR A 486 11.38 8.38 21.75
N ASN A 487 10.88 8.64 20.54
CA ASN A 487 10.36 9.97 20.14
C ASN A 487 8.84 9.90 19.99
N SER A 488 8.21 11.07 20.04
CA SER A 488 6.75 11.30 19.92
C SER A 488 6.45 11.96 18.58
N TRP A 489 5.38 11.55 17.91
CA TRP A 489 4.95 12.18 16.66
C TRP A 489 4.42 13.58 16.98
N SER A 490 4.68 14.53 16.10
CA SER A 490 4.09 15.89 16.15
C SER A 490 3.91 16.32 14.70
N SER A 491 3.20 17.42 14.46
CA SER A 491 2.76 17.83 13.10
C SER A 491 3.98 18.05 12.19
N SER A 492 5.16 18.37 12.74
CA SER A 492 6.35 18.62 11.91
C SER A 492 6.81 17.31 11.25
N LYS A 493 6.40 16.17 11.80
CA LYS A 493 6.76 14.83 11.29
C LYS A 493 5.79 14.36 10.17
N LYS A 494 4.80 15.17 9.78
CA LYS A 494 3.75 14.79 8.80
C LYS A 494 4.40 14.51 7.44
N TYR A 495 5.48 15.22 7.14
CA TYR A 495 6.18 15.20 5.84
C TYR A 495 7.68 14.93 6.06
N LEU A 496 8.17 13.83 5.50
CA LEU A 496 9.58 13.42 5.63
C LEU A 496 10.51 14.49 5.03
N PRO A 497 11.78 14.50 5.45
CA PRO A 497 12.81 15.29 4.80
C PRO A 497 12.96 14.85 3.34
N ILE A 498 12.94 15.83 2.44
CA ILE A 498 13.26 15.62 1.01
C ILE A 498 14.71 15.17 0.94
N PRO A 499 15.00 14.11 0.15
CA PRO A 499 16.37 13.61 -0.01
C PRO A 499 17.35 14.76 -0.38
N GLN A 500 18.51 14.81 0.29
CA GLN A 500 19.49 15.94 0.20
C GLN A 500 19.88 16.16 -1.28
N LYS A 501 20.13 15.09 -2.04
CA LYS A 501 20.53 15.19 -3.48
C LYS A 501 19.50 15.98 -4.27
N GLU A 502 18.21 15.89 -3.92
CA GLU A 502 17.17 16.68 -4.65
C GLU A 502 17.27 18.15 -4.25
N ILE A 503 17.52 18.43 -2.97
CA ILE A 503 17.67 19.82 -2.43
C ILE A 503 18.85 20.50 -3.14
N ASP A 504 19.97 19.78 -3.25
CA ASP A 504 21.25 20.26 -3.85
C ASP A 504 21.05 20.57 -5.33
N ALA A 505 20.59 19.58 -6.10
CA ALA A 505 20.43 19.65 -7.58
C ALA A 505 19.49 20.77 -7.97
N ALA A 506 18.54 21.13 -7.09
CA ALA A 506 17.50 22.14 -7.36
C ALA A 506 18.01 23.54 -7.00
N LYS A 507 19.17 23.63 -6.32
CA LYS A 507 19.92 24.88 -6.08
C LYS A 507 18.99 25.98 -5.57
N GLY A 508 18.22 25.67 -4.54
CA GLY A 508 17.37 26.63 -3.81
C GLY A 508 15.94 26.62 -4.30
N THR A 509 15.64 25.99 -5.42
CA THR A 509 14.27 25.93 -6.04
C THR A 509 13.36 24.99 -5.22
N LEU A 510 13.93 24.01 -4.51
CA LEU A 510 13.26 23.04 -3.59
C LEU A 510 13.58 23.36 -2.13
N VAL A 511 12.59 23.80 -1.35
CA VAL A 511 12.73 24.14 0.10
C VAL A 511 12.51 22.89 0.96
N GLN A 512 13.49 22.58 1.81
CA GLN A 512 13.48 21.44 2.77
C GLN A 512 12.26 21.60 3.71
N ASN A 513 11.61 20.49 4.01
CA ASN A 513 10.54 20.40 5.04
C ASN A 513 11.17 20.62 6.43
N ASN A 514 10.46 21.26 7.35
CA ASN A 514 10.93 21.53 8.74
C ASN A 514 10.50 20.34 9.63
N TYR A 515 11.12 19.19 9.41
CA TYR A 515 10.72 17.89 10.01
C TYR A 515 11.32 17.79 11.41
C2 BGC B . 18.75 -12.79 -15.43
C3 BGC B . 19.29 -14.19 -15.16
C4 BGC B . 18.39 -15.21 -15.89
C5 BGC B . 18.14 -14.84 -17.35
C6 BGC B . 17.00 -15.69 -17.86
C1 BGC B . 18.80 -12.60 -16.96
O1 BGC B . 18.48 -11.26 -17.24
O2 BGC B . 19.53 -11.81 -14.75
O3 BGC B . 19.34 -14.44 -13.74
O4 BGC B . 18.92 -16.54 -15.85
O5 BGC B . 17.83 -13.44 -17.54
O6 BGC B . 16.72 -15.16 -19.15
H2 BGC B . 17.71 -12.70 -15.11
H3 BGC B . 20.32 -14.28 -15.56
H4 BGC B . 17.43 -15.23 -15.36
H5 BGC B . 19.04 -15.10 -17.92
H61 BGC B . 16.14 -15.61 -17.19
H62 BGC B . 17.31 -16.74 -17.92
H1 BGC B . 19.80 -12.83 -17.37
HO1 BGC B . 19.24 -10.70 -17.07
HO2 BGC B . 19.20 -10.92 -14.95
HO3 BGC B . 18.73 -13.84 -13.29
HO4 BGC B . 19.10 -16.79 -14.93
HO6 BGC B . 17.32 -14.42 -19.32
C2 BGC B . 20.48 -14.95 -11.76
C3 BGC B . 21.23 -16.06 -11.07
C4 BGC B . 20.45 -17.37 -11.23
C5 BGC B . 20.18 -17.67 -12.71
C6 BGC B . 19.38 -18.94 -12.86
C1 BGC B . 20.14 -15.37 -13.20
O2 BGC B . 21.27 -13.75 -11.70
O3 BGC B . 21.31 -15.72 -9.69
O4 BGC B . 21.16 -18.45 -10.63
O5 BGC B . 19.43 -16.60 -13.27
O6 BGC B . 19.48 -19.35 -14.22
H2 BGC B . 19.55 -14.73 -11.23
H3 BGC B . 22.21 -16.18 -11.55
H4 BGC B . 19.50 -17.28 -10.70
H5 BGC B . 21.13 -17.78 -13.26
H61 BGC B . 18.33 -18.75 -12.59
H62 BGC B . 19.79 -19.71 -12.20
H1 BGC B . 21.12 -15.54 -12.72
HO2 BGC B . 20.78 -13.03 -12.11
HO3 BGC B . 20.45 -15.83 -9.27
HO4 BGC B . 21.33 -18.25 -9.70
HO6 BGC B . 20.03 -18.72 -14.70
C2 BGC B . 22.26 -14.60 -7.92
C3 BGC B . 23.62 -14.46 -7.23
C4 BGC B . 24.11 -15.85 -6.86
C5 BGC B . 24.17 -16.79 -8.08
C6 BGC B . 24.31 -18.22 -7.53
C1 BGC B . 22.52 -15.33 -9.25
O2 BGC B . 21.62 -13.35 -8.16
O3 BGC B . 23.50 -13.65 -6.06
O4 BGC B . 25.39 -15.81 -6.20
O5 BGC B . 23.01 -16.68 -8.96
O6 BGC B . 24.74 -19.08 -8.58
H2 BGC B . 21.57 -15.20 -7.32
H3 BGC B . 24.34 -14.01 -7.93
H4 BGC B . 23.41 -16.27 -6.13
H5 BGC B . 25.09 -16.56 -8.65
H61 BGC B . 23.35 -18.56 -7.14
H62 BGC B . 25.04 -18.23 -6.72
H1 BGC B . 23.15 -14.60 -8.73
HO2 BGC B . 20.77 -13.50 -8.60
HO3 BGC B . 23.57 -14.23 -5.28
HO4 BGC B . 25.35 -15.20 -5.45
HO6 BGC B . 24.85 -18.57 -9.39
C2 BGC B . 22.98 -11.92 -4.45
C3 BGC B . 23.17 -10.42 -4.30
C4 BGC B . 24.44 -9.94 -4.97
C5 BGC B . 24.55 -10.50 -6.37
C6 BGC B . 25.80 -9.95 -7.03
C1 BGC B . 23.34 -12.36 -5.87
O2 BGC B . 21.63 -12.32 -4.14
O3 BGC B . 23.21 -10.05 -2.92
O4 BGC B . 24.40 -8.51 -5.03
O5 BGC B . 24.61 -11.90 -6.30
O6 BGC B . 25.38 -8.66 -7.41
H2 BGC B . 23.64 -12.44 -3.74
H3 BGC B . 22.31 -9.92 -4.79
H4 BGC B . 25.30 -10.31 -4.39
H5 BGC B . 23.69 -10.20 -6.99
H61 BGC B . 26.07 -10.59 -7.88
H62 BGC B . 26.61 -9.95 -6.30
H1 BGC B . 22.68 -11.50 -5.74
HO2 BGC B . 21.56 -13.27 -4.21
HO3 BGC B . 24.07 -10.30 -2.55
HO4 BGC B . 24.33 -8.15 -4.14
HO6 BGC B . 24.46 -8.53 -7.15
C2 BGC B . 22.49 -9.55 -0.81
C3 BGC B . 21.56 -8.67 -0.01
C4 BGC B . 21.54 -7.24 -0.55
C5 BGC B . 21.29 -7.29 -2.05
C6 BGC B . 21.29 -5.90 -2.65
C1 BGC B . 22.16 -9.46 -2.32
O2 BGC B . 22.28 -10.89 -0.48
O3 BGC B . 21.97 -8.60 1.35
O4 BGC B . 20.51 -6.51 0.11
O5 BGC B . 22.27 -8.10 -2.71
O6 BGC B . 22.59 -5.30 -2.57
H2 BGC B . 23.53 -9.21 -0.67
H3 BGC B . 20.55 -9.08 -0.08
H4 BGC B . 22.52 -6.77 -0.39
H5 BGC B . 20.30 -7.73 -2.20
H61 BGC B . 20.58 -5.27 -2.11
H62 BGC B . 21.00 -5.95 -3.71
H1 BGC B . 21.35 -9.57 -1.59
HO2 BGC B . 22.87 -11.45 -1.01
HO3 BGC B . 22.91 -8.36 1.39
HO4 BGC B . 20.69 -6.50 1.06
HO6 BGC B . 23.20 -5.92 -2.14
C2 BGC B . 21.89 -9.18 3.65
C3 BGC B . 20.94 -9.27 4.83
C4 BGC B . 20.20 -7.96 4.94
C5 BGC B . 19.50 -7.62 3.61
C6 BGC B . 18.76 -6.28 3.60
C1 BGC B . 21.16 -8.82 2.38
O2 BGC B . 22.46 -10.46 3.40
O3 BGC B . 21.70 -9.59 6.00
O4 BGC B . 19.27 -8.09 5.99
O5 BGC B . 20.49 -7.60 2.58
O6 BGC B . 19.53 -5.25 4.24
H2 BGC B . 22.64 -8.40 3.85
H3 BGC B . 20.20 -10.07 4.65
H4 BGC B . 20.92 -7.16 5.17
H5 BGC B . 18.78 -8.43 3.40
H61 BGC B . 17.82 -6.37 4.14
H62 BGC B . 18.57 -5.97 2.57
H1 BGC B . 20.77 -9.57 3.08
HO2 BGC B . 23.06 -10.40 2.65
HO3 BGC B . 22.17 -10.43 5.87
HO4 BGC B . 19.72 -8.30 6.82
HO6 BGC B . 20.37 -5.63 4.54
S SO4 C . -17.92 -11.24 19.42
O1 SO4 C . -17.80 -12.50 18.74
O2 SO4 C . -18.43 -10.25 18.52
O3 SO4 C . -18.88 -11.35 20.49
O4 SO4 C . -16.63 -10.86 19.93
#